data_3MC9
#
_entry.id   3MC9
#
_cell.length_a   108.366
_cell.length_b   108.366
_cell.length_c   60.238
_cell.angle_alpha   90.00
_cell.angle_beta   90.00
_cell.angle_gamma   120.00
#
_symmetry.space_group_name_H-M   'P 63'
#
loop_
_entity.id
_entity.type
_entity.pdbx_description
1 polymer 'Alr2269 protein'
2 water water
#
_entity_poly.entity_id   1
_entity_poly.type   'polypeptide(L)'
_entity_poly.pdbx_seq_one_letter_code
;MLETRATTAKQLVQAPEQPAPQPEVAPPTTEQPAPAPAPGTTPGTENFNTPNATPETTEPRVLVSEVLVRPQSGQLTPEL
ETQVYNVIRTQPGRTTTRSQLQEDINAIFGTGFFSNVQASPEDTPLGVRVSFIVQPNPVLSKVEIQANPGTNVPSVLPQA
TADEIFRAQYGKILNLRDLQEGIKELTKRYQDQGYVLANVVGAPQVSENGVVTLQVAEGVVENISVRFRNKEGQDVNEQG
QPIRGRTQDYIITREVELKPGQVFNRNTVQKDLQRVFGTGLFEDVNVSLDPGTDPTKVNVVVNVVERSLEHHHHHH
;
_entity_poly.pdbx_strand_id   A,B
#
# COMPACT_ATOMS: atom_id res chain seq x y z
N THR A 58 7.61 24.78 11.30
CA THR A 58 6.60 23.69 11.31
C THR A 58 5.54 23.89 10.22
N GLU A 59 4.59 22.96 10.13
CA GLU A 59 3.61 22.94 9.02
C GLU A 59 2.61 24.10 9.03
N PRO A 60 2.44 24.79 7.88
CA PRO A 60 1.44 25.86 7.88
C PRO A 60 0.02 25.34 8.09
N ARG A 61 -0.81 26.20 8.67
CA ARG A 61 -2.19 25.88 8.97
C ARG A 61 -3.12 26.79 8.24
N VAL A 62 -4.29 26.28 7.91
CA VAL A 62 -5.34 27.05 7.31
C VAL A 62 -6.60 26.74 8.07
N LEU A 63 -7.45 27.75 8.22
CA LEU A 63 -8.72 27.54 8.88
C LEU A 63 -9.58 26.76 7.94
N VAL A 64 -10.39 25.85 8.49
CA VAL A 64 -11.26 25.05 7.67
C VAL A 64 -12.65 25.60 7.84
N SER A 65 -13.31 25.96 6.73
CA SER A 65 -14.68 26.49 6.79
C SER A 65 -15.77 25.41 6.75
N GLU A 66 -15.45 24.30 6.10
CA GLU A 66 -16.46 23.27 5.79
C GLU A 66 -15.81 21.92 5.50
N VAL A 67 -16.41 20.86 6.03
CA VAL A 67 -15.99 19.50 5.71
C VAL A 67 -17.15 18.81 5.04
N LEU A 68 -16.89 18.27 3.85
CA LEU A 68 -17.89 17.50 3.13
C LEU A 68 -17.35 16.07 2.99
N VAL A 69 -18.22 15.09 3.20
CA VAL A 69 -17.87 13.69 2.98
C VAL A 69 -18.70 13.23 1.81
N ARG A 70 -18.05 12.77 0.73
CA ARG A 70 -18.77 12.45 -0.51
C ARG A 70 -18.37 11.09 -1.08
N PRO A 71 -19.33 10.38 -1.71
CA PRO A 71 -18.99 9.17 -2.43
C PRO A 71 -18.24 9.54 -3.70
N GLN A 72 -17.26 8.75 -4.09
CA GLN A 72 -16.60 8.95 -5.37
C GLN A 72 -17.54 8.60 -6.53
N SER A 73 -18.40 7.62 -6.30
CA SER A 73 -19.49 7.26 -7.22
C SER A 73 -20.58 6.53 -6.45
N GLY A 74 -21.75 6.41 -7.07
CA GLY A 74 -22.92 5.86 -6.40
C GLY A 74 -23.41 6.81 -5.31
N GLN A 75 -24.06 6.25 -4.30
CA GLN A 75 -24.50 7.01 -3.14
C GLN A 75 -23.69 6.64 -1.92
N LEU A 76 -23.63 7.57 -0.97
CA LEU A 76 -23.01 7.33 0.30
C LEU A 76 -24.10 7.14 1.34
N THR A 77 -24.15 5.95 1.91
CA THR A 77 -25.03 5.67 3.04
C THR A 77 -24.72 6.63 4.19
N PRO A 78 -25.76 7.06 4.93
CA PRO A 78 -25.52 7.88 6.12
C PRO A 78 -24.70 7.16 7.19
N GLU A 79 -24.83 5.83 7.25
CA GLU A 79 -24.05 5.03 8.18
C GLU A 79 -22.56 5.09 7.83
N LEU A 80 -22.24 5.09 6.53
CA LEU A 80 -20.84 5.18 6.12
C LEU A 80 -20.28 6.61 6.27
N GLU A 81 -21.13 7.60 5.99
CA GLU A 81 -20.74 9.00 6.20
C GLU A 81 -20.34 9.23 7.66
N THR A 82 -21.15 8.68 8.56
CA THR A 82 -20.90 8.73 9.99
C THR A 82 -19.57 8.09 10.35
N GLN A 83 -19.26 6.97 9.71
CA GLN A 83 -17.97 6.29 9.91
C GLN A 83 -16.83 7.24 9.62
N VAL A 84 -16.91 7.96 8.51
CA VAL A 84 -15.90 8.96 8.16
C VAL A 84 -15.81 10.06 9.23
N TYR A 85 -16.95 10.64 9.59
CA TYR A 85 -16.96 11.75 10.57
C TYR A 85 -16.41 11.33 11.92
N ASN A 86 -16.68 10.09 12.32
CA ASN A 86 -16.14 9.51 13.56
C ASN A 86 -14.63 9.48 13.71
N VAL A 87 -13.88 9.42 12.61
CA VAL A 87 -12.43 9.18 12.71
C VAL A 87 -11.54 10.32 12.24
N ILE A 88 -12.12 11.27 11.49
CA ILE A 88 -11.37 12.44 11.06
C ILE A 88 -11.32 13.47 12.18
N ARG A 89 -10.22 14.20 12.26
CA ARG A 89 -10.13 15.32 13.18
C ARG A 89 -10.42 16.63 12.47
N THR A 90 -10.06 16.72 11.19
CA THR A 90 -10.33 17.95 10.43
C THR A 90 -11.80 18.34 10.56
N GLN A 91 -12.07 19.61 10.90
CA GLN A 91 -13.43 20.01 11.23
C GLN A 91 -13.65 21.48 10.95
N PRO A 92 -14.91 21.86 10.68
CA PRO A 92 -15.21 23.25 10.40
C PRO A 92 -14.86 24.12 11.60
N GLY A 93 -14.24 25.26 11.35
CA GLY A 93 -13.95 26.21 12.43
C GLY A 93 -12.76 25.82 13.30
N ARG A 94 -11.92 24.91 12.79
CA ARG A 94 -10.61 24.64 13.36
C ARG A 94 -9.62 24.66 12.20
N THR A 95 -8.33 24.75 12.49
CA THR A 95 -7.33 24.68 11.44
C THR A 95 -7.08 23.23 11.05
N THR A 96 -6.35 23.07 9.95
CA THR A 96 -5.85 21.76 9.58
C THR A 96 -4.55 21.99 8.87
N THR A 97 -3.86 20.90 8.62
CA THR A 97 -2.54 20.91 8.02
C THR A 97 -2.52 19.76 7.03
N ARG A 98 -1.48 19.75 6.24
CA ARG A 98 -1.24 18.74 5.23
C ARG A 98 -1.21 17.36 5.87
N SER A 99 -0.40 17.22 6.90
CA SER A 99 -0.24 15.97 7.61
C SER A 99 -1.52 15.53 8.28
N GLN A 100 -2.24 16.48 8.86
CA GLN A 100 -3.48 16.15 9.53
C GLN A 100 -4.46 15.59 8.51
N LEU A 101 -4.48 16.16 7.30
CA LEU A 101 -5.29 15.61 6.23
C LEU A 101 -4.84 14.18 5.89
N GLN A 102 -3.53 13.97 5.71
CA GLN A 102 -3.08 12.61 5.41
C GLN A 102 -3.51 11.63 6.51
N GLU A 103 -3.28 12.02 7.76
CA GLU A 103 -3.66 11.22 8.91
C GLU A 103 -5.18 10.92 8.96
N ASP A 104 -6.00 11.89 8.57
CA ASP A 104 -7.44 11.67 8.48
C ASP A 104 -7.77 10.63 7.37
N ILE A 105 -7.10 10.76 6.23
CA ILE A 105 -7.22 9.80 5.14
C ILE A 105 -6.89 8.37 5.64
N ASN A 106 -5.74 8.21 6.32
CA ASN A 106 -5.33 6.93 6.92
C ASN A 106 -6.36 6.36 7.89
N ALA A 107 -6.96 7.23 8.69
CA ALA A 107 -7.96 6.82 9.65
C ALA A 107 -9.24 6.39 8.95
N ILE A 108 -9.59 7.03 7.85
CA ILE A 108 -10.74 6.59 7.08
C ILE A 108 -10.49 5.18 6.52
N PHE A 109 -9.30 4.94 5.97
CA PHE A 109 -8.95 3.62 5.49
C PHE A 109 -9.00 2.62 6.63
N GLY A 110 -8.52 3.08 7.79
CA GLY A 110 -8.46 2.27 9.01
C GLY A 110 -9.79 1.68 9.39
N THR A 111 -10.89 2.39 9.13
CA THR A 111 -12.21 1.82 9.39
C THR A 111 -12.45 0.52 8.61
N GLY A 112 -11.77 0.36 7.48
CA GLY A 112 -11.87 -0.87 6.70
C GLY A 112 -12.99 -0.92 5.67
N PHE A 113 -13.87 0.08 5.62
CA PHE A 113 -15.01 0.02 4.71
C PHE A 113 -14.76 0.56 3.30
N PHE A 114 -13.60 1.15 3.04
CA PHE A 114 -13.36 1.86 1.77
C PHE A 114 -12.19 1.36 0.97
N SER A 115 -12.34 1.36 -0.36
CA SER A 115 -11.28 0.95 -1.27
C SER A 115 -10.42 2.15 -1.69
N ASN A 116 -10.99 3.35 -1.67
CA ASN A 116 -10.26 4.56 -1.98
C ASN A 116 -10.72 5.74 -1.12
N VAL A 117 -9.77 6.59 -0.76
CA VAL A 117 -10.00 7.76 0.06
C VAL A 117 -9.05 8.87 -0.36
N GLN A 118 -9.58 10.06 -0.60
CA GLN A 118 -8.75 11.23 -0.80
C GLN A 118 -9.35 12.47 -0.17
N ALA A 119 -8.50 13.46 0.05
CA ALA A 119 -8.92 14.77 0.53
C ALA A 119 -8.73 15.77 -0.60
N SER A 120 -9.82 16.49 -0.91
CA SER A 120 -9.81 17.54 -1.91
C SER A 120 -10.12 18.90 -1.22
N PRO A 121 -9.11 19.79 -1.11
CA PRO A 121 -9.32 21.11 -0.49
C PRO A 121 -9.59 22.27 -1.45
N GLU A 122 -10.58 23.10 -1.11
CA GLU A 122 -10.98 24.25 -1.94
C GLU A 122 -10.89 25.50 -1.06
N ASP A 123 -9.94 26.37 -1.39
CA ASP A 123 -9.75 27.57 -0.60
C ASP A 123 -10.86 28.57 -0.90
N THR A 124 -11.31 29.25 0.15
CA THR A 124 -12.24 30.37 0.00
C THR A 124 -11.81 31.49 0.96
N PRO A 125 -12.32 32.72 0.76
CA PRO A 125 -12.06 33.79 1.71
C PRO A 125 -12.38 33.46 3.18
N LEU A 126 -13.31 32.52 3.39
CA LEU A 126 -13.80 32.15 4.71
C LEU A 126 -13.05 30.99 5.36
N GLY A 127 -12.16 30.35 4.60
CA GLY A 127 -11.53 29.10 5.04
C GLY A 127 -11.60 28.01 3.96
N VAL A 128 -10.92 26.91 4.21
CA VAL A 128 -10.88 25.86 3.21
C VAL A 128 -12.08 24.92 3.38
N ARG A 129 -12.72 24.59 2.25
CA ARG A 129 -13.74 23.56 2.21
C ARG A 129 -13.05 22.25 1.89
N VAL A 130 -13.01 21.34 2.85
CA VAL A 130 -12.27 20.07 2.68
C VAL A 130 -13.27 18.98 2.34
N SER A 131 -13.11 18.40 1.15
CA SER A 131 -13.93 17.27 0.73
C SER A 131 -13.17 15.96 0.89
N PHE A 132 -13.73 15.06 1.68
CA PHE A 132 -13.21 13.70 1.78
C PHE A 132 -14.05 12.89 0.82
N ILE A 133 -13.40 12.38 -0.22
CA ILE A 133 -14.09 11.62 -1.25
C ILE A 133 -13.72 10.17 -1.06
N VAL A 134 -14.74 9.35 -0.82
CA VAL A 134 -14.51 7.98 -0.42
C VAL A 134 -15.29 7.04 -1.34
N GLN A 135 -14.72 5.86 -1.56
CA GLN A 135 -15.34 4.85 -2.40
C GLN A 135 -15.59 3.64 -1.51
N PRO A 136 -16.86 3.43 -1.13
CA PRO A 136 -17.15 2.26 -0.30
C PRO A 136 -16.70 0.96 -0.96
N ASN A 137 -16.27 0.01 -0.15
CA ASN A 137 -15.95 -1.33 -0.64
C ASN A 137 -17.20 -1.96 -1.24
N PRO A 138 -17.04 -2.87 -2.21
CA PRO A 138 -18.20 -3.59 -2.70
C PRO A 138 -18.66 -4.63 -1.68
N VAL A 139 -19.84 -5.18 -1.90
CA VAL A 139 -20.34 -6.29 -1.07
C VAL A 139 -19.43 -7.49 -1.32
N LEU A 140 -18.97 -8.14 -0.25
CA LEU A 140 -18.09 -9.32 -0.41
C LEU A 140 -18.90 -10.51 -0.93
N SER A 141 -18.56 -10.97 -2.14
CA SER A 141 -19.21 -12.15 -2.70
C SER A 141 -18.41 -13.40 -2.37
N LYS A 142 -17.08 -13.32 -2.47
CA LYS A 142 -16.24 -14.43 -2.08
C LYS A 142 -14.75 -14.13 -1.88
N VAL A 143 -14.09 -15.04 -1.16
CA VAL A 143 -12.65 -15.02 -0.97
C VAL A 143 -12.04 -16.27 -1.60
N GLU A 144 -11.04 -16.06 -2.47
CA GLU A 144 -10.28 -17.13 -3.11
C GLU A 144 -8.83 -17.07 -2.65
N ILE A 145 -8.21 -18.24 -2.45
CA ILE A 145 -6.78 -18.34 -2.22
C ILE A 145 -6.08 -18.67 -3.53
N GLN A 146 -5.01 -17.94 -3.84
CA GLN A 146 -4.20 -18.20 -5.00
C GLN A 146 -2.79 -18.54 -4.49
N ALA A 147 -2.44 -19.82 -4.58
CA ALA A 147 -1.16 -20.28 -4.02
C ALA A 147 -0.05 -20.17 -5.04
N ASN A 148 -0.41 -20.36 -6.31
CA ASN A 148 0.53 -20.70 -7.36
C ASN A 148 0.77 -19.54 -8.33
N PRO A 149 1.90 -19.58 -9.06
CA PRO A 149 2.43 -18.46 -9.82
C PRO A 149 1.55 -18.12 -11.00
N PRO A 154 -1.31 -25.46 -7.13
CA PRO A 154 -2.56 -25.52 -6.36
C PRO A 154 -2.35 -25.45 -4.84
N SER A 155 -3.33 -24.90 -4.12
CA SER A 155 -3.23 -24.70 -2.67
C SER A 155 -3.12 -26.04 -1.95
N VAL A 156 -2.30 -26.08 -0.91
CA VAL A 156 -2.22 -27.27 -0.09
C VAL A 156 -3.40 -27.41 0.88
N LEU A 157 -4.29 -26.41 0.98
CA LEU A 157 -5.44 -26.53 1.88
C LEU A 157 -6.69 -26.97 1.12
N PRO A 158 -7.63 -27.60 1.83
CA PRO A 158 -8.85 -28.01 1.16
C PRO A 158 -9.46 -26.85 0.35
N GLN A 159 -10.12 -27.20 -0.75
CA GLN A 159 -10.69 -26.22 -1.67
C GLN A 159 -11.66 -25.29 -0.97
N ALA A 160 -12.34 -25.80 0.04
CA ALA A 160 -13.42 -25.08 0.66
C ALA A 160 -13.00 -24.29 1.89
N THR A 161 -11.70 -24.26 2.23
CA THR A 161 -11.29 -23.59 3.48
C THR A 161 -11.47 -22.07 3.46
N ALA A 162 -11.30 -21.42 2.31
CA ALA A 162 -11.59 -19.98 2.21
C ALA A 162 -13.07 -19.69 2.57
N ASP A 163 -13.99 -20.44 1.98
CA ASP A 163 -15.43 -20.30 2.31
C ASP A 163 -15.73 -20.57 3.79
N GLU A 164 -15.14 -21.62 4.36
CA GLU A 164 -15.40 -21.93 5.78
C GLU A 164 -15.03 -20.77 6.69
N ILE A 165 -13.92 -20.12 6.40
CA ILE A 165 -13.44 -19.02 7.26
C ILE A 165 -14.18 -17.72 6.99
N PHE A 166 -14.42 -17.40 5.73
CA PHE A 166 -14.88 -16.07 5.33
C PHE A 166 -16.40 -16.01 5.04
N ARG A 167 -17.04 -17.18 4.94
CA ARG A 167 -18.47 -17.30 4.60
C ARG A 167 -19.36 -16.28 5.29
N ALA A 168 -19.18 -16.15 6.59
CA ALA A 168 -19.97 -15.28 7.44
C ALA A 168 -19.95 -13.82 7.00
N GLN A 169 -18.90 -13.40 6.30
CA GLN A 169 -18.78 -12.02 5.82
C GLN A 169 -19.41 -11.83 4.43
N TYR A 170 -19.80 -12.94 3.79
CA TYR A 170 -20.39 -12.91 2.44
C TYR A 170 -21.75 -12.21 2.45
N GLY A 171 -22.03 -11.45 1.41
CA GLY A 171 -23.35 -10.78 1.26
C GLY A 171 -23.45 -9.46 2.02
N LYS A 172 -22.35 -9.02 2.60
CA LYS A 172 -22.27 -7.72 3.28
C LYS A 172 -21.08 -6.95 2.74
N ILE A 173 -21.12 -5.64 2.93
CA ILE A 173 -20.04 -4.78 2.48
C ILE A 173 -18.72 -5.31 3.05
N LEU A 174 -17.70 -5.34 2.21
CA LEU A 174 -16.40 -5.84 2.57
C LEU A 174 -15.80 -4.91 3.60
N ASN A 175 -15.42 -5.46 4.75
CA ASN A 175 -14.61 -4.73 5.72
C ASN A 175 -13.24 -5.38 5.91
N LEU A 176 -12.21 -4.58 5.67
CA LEU A 176 -10.84 -5.08 5.62
C LEU A 176 -10.29 -5.48 6.99
N ARG A 177 -10.82 -4.90 8.06
CA ARG A 177 -10.47 -5.35 9.41
C ARG A 177 -11.01 -6.76 9.66
N ASP A 178 -12.27 -6.99 9.29
CA ASP A 178 -12.89 -8.30 9.46
C ASP A 178 -12.20 -9.29 8.52
N LEU A 179 -11.81 -8.83 7.33
CA LEU A 179 -11.03 -9.65 6.42
C LEU A 179 -9.71 -10.09 7.08
N GLN A 180 -9.00 -9.15 7.68
CA GLN A 180 -7.74 -9.46 8.32
C GLN A 180 -7.87 -10.46 9.48
N GLU A 181 -8.98 -10.42 10.19
CA GLU A 181 -9.20 -11.41 11.25
C GLU A 181 -9.29 -12.80 10.63
N GLY A 182 -10.05 -12.90 9.55
CA GLY A 182 -10.13 -14.15 8.80
C GLY A 182 -8.79 -14.63 8.26
N ILE A 183 -7.95 -13.68 7.84
CA ILE A 183 -6.62 -13.99 7.34
C ILE A 183 -5.75 -14.61 8.43
N LYS A 184 -5.87 -14.08 9.63
CA LYS A 184 -5.19 -14.63 10.79
C LYS A 184 -5.63 -16.06 11.07
N GLU A 185 -6.93 -16.29 10.95
CA GLU A 185 -7.46 -17.65 11.11
C GLU A 185 -6.92 -18.59 9.99
N LEU A 186 -6.85 -18.12 8.75
CA LEU A 186 -6.23 -18.88 7.63
C LEU A 186 -4.78 -19.27 7.94
N THR A 187 -4.01 -18.28 8.38
CA THR A 187 -2.62 -18.45 8.78
C THR A 187 -2.46 -19.55 9.82
N LYS A 188 -3.30 -19.51 10.85
CA LYS A 188 -3.33 -20.56 11.86
C LYS A 188 -3.71 -21.94 11.28
N ARG A 189 -4.62 -21.96 10.29
CA ARG A 189 -4.91 -23.23 9.62
C ARG A 189 -3.70 -23.79 8.85
N TYR A 190 -2.95 -22.94 8.14
CA TYR A 190 -1.71 -23.42 7.52
C TYR A 190 -0.83 -24.03 8.56
N GLN A 191 -0.66 -23.33 9.67
CA GLN A 191 0.20 -23.80 10.71
C GLN A 191 -0.23 -25.18 11.25
N ASP A 192 -1.53 -25.32 11.52
CA ASP A 192 -2.10 -26.60 11.98
C ASP A 192 -1.76 -27.75 11.05
N GLN A 193 -1.72 -27.48 9.75
CA GLN A 193 -1.42 -28.53 8.77
C GLN A 193 0.06 -28.72 8.48
N GLY A 194 0.92 -28.07 9.26
CA GLY A 194 2.39 -28.24 9.10
C GLY A 194 3.11 -27.14 8.32
N TYR A 195 2.35 -26.18 7.79
CA TYR A 195 2.90 -25.06 6.98
C TYR A 195 3.02 -23.83 7.89
N VAL A 196 4.07 -23.84 8.72
CA VAL A 196 4.18 -22.88 9.79
C VAL A 196 4.84 -21.55 9.37
N LEU A 197 5.15 -21.41 8.08
CA LEU A 197 5.83 -20.21 7.57
C LEU A 197 5.01 -19.52 6.48
N ALA A 198 3.73 -19.88 6.40
CA ALA A 198 2.82 -19.39 5.37
C ALA A 198 2.53 -17.90 5.56
N ASN A 199 2.60 -17.13 4.48
CA ASN A 199 2.37 -15.69 4.52
C ASN A 199 1.52 -15.25 3.32
N VAL A 200 0.58 -14.35 3.56
CA VAL A 200 -0.07 -13.63 2.48
C VAL A 200 0.95 -12.76 1.72
N VAL A 201 0.92 -12.83 0.39
CA VAL A 201 1.83 -12.02 -0.46
C VAL A 201 1.16 -10.72 -0.87
N GLY A 202 1.75 -9.60 -0.48
CA GLY A 202 1.18 -8.28 -0.76
C GLY A 202 -0.14 -8.06 -0.03
N ALA A 203 -1.06 -7.32 -0.65
CA ALA A 203 -2.34 -6.99 -0.03
C ALA A 203 -3.49 -7.77 -0.72
N PRO A 204 -4.62 -7.93 -0.02
CA PRO A 204 -5.79 -8.56 -0.68
C PRO A 204 -6.22 -7.80 -1.94
N GLN A 205 -6.42 -8.51 -3.05
CA GLN A 205 -6.93 -7.88 -4.28
C GLN A 205 -8.45 -8.06 -4.42
N VAL A 206 -9.14 -6.93 -4.46
CA VAL A 206 -10.61 -6.87 -4.45
C VAL A 206 -11.15 -6.47 -5.82
N SER A 207 -12.07 -7.29 -6.33
CA SER A 207 -12.78 -6.95 -7.57
C SER A 207 -13.97 -6.08 -7.28
N GLU A 208 -14.36 -5.27 -8.27
CA GLU A 208 -15.63 -4.53 -8.23
C GLU A 208 -16.82 -5.46 -8.00
N ASN A 209 -16.71 -6.72 -8.46
CA ASN A 209 -17.74 -7.74 -8.17
C ASN A 209 -17.62 -8.36 -6.77
N GLY A 210 -16.71 -7.85 -5.93
CA GLY A 210 -16.60 -8.32 -4.54
C GLY A 210 -15.91 -9.66 -4.33
N VAL A 211 -15.09 -10.05 -5.30
CA VAL A 211 -14.24 -11.21 -5.16
C VAL A 211 -12.88 -10.75 -4.62
N VAL A 212 -12.52 -11.24 -3.44
CA VAL A 212 -11.21 -11.00 -2.87
C VAL A 212 -10.29 -12.18 -3.15
N THR A 213 -9.17 -11.91 -3.81
CA THR A 213 -8.16 -12.92 -4.04
C THR A 213 -6.99 -12.69 -3.09
N LEU A 214 -6.70 -13.70 -2.27
CA LEU A 214 -5.55 -13.70 -1.35
C LEU A 214 -4.44 -14.58 -1.92
N GLN A 215 -3.35 -13.94 -2.30
CA GLN A 215 -2.17 -14.62 -2.79
C GLN A 215 -1.39 -15.03 -1.55
N VAL A 216 -1.05 -16.32 -1.44
CA VAL A 216 -0.36 -16.88 -0.27
C VAL A 216 0.90 -17.64 -0.71
N ALA A 217 2.02 -17.35 -0.05
CA ALA A 217 3.24 -18.14 -0.16
C ALA A 217 3.09 -19.20 0.90
N GLU A 218 2.62 -20.37 0.52
CA GLU A 218 2.26 -21.41 1.48
C GLU A 218 3.46 -22.10 2.06
N GLY A 219 4.52 -22.23 1.26
CA GLY A 219 5.64 -23.04 1.67
C GLY A 219 5.43 -24.48 1.25
N VAL A 220 6.52 -25.24 1.34
CA VAL A 220 6.56 -26.66 1.03
C VAL A 220 7.11 -27.36 2.26
N VAL A 221 6.64 -28.58 2.56
CA VAL A 221 7.24 -29.41 3.62
C VAL A 221 7.58 -30.80 3.07
N GLU A 222 8.70 -31.38 3.50
CA GLU A 222 9.02 -32.77 3.16
C GLU A 222 9.86 -33.50 4.21
N THR B 58 5.53 -18.03 21.13
CA THR B 58 4.27 -17.92 20.31
C THR B 58 4.44 -18.64 18.93
N GLU B 59 4.95 -17.96 17.90
CA GLU B 59 5.05 -18.60 16.56
C GLU B 59 6.13 -19.67 16.51
N PRO B 60 5.88 -20.75 15.76
CA PRO B 60 6.90 -21.83 15.67
C PRO B 60 8.19 -21.36 14.99
N ARG B 61 9.33 -21.70 15.59
CA ARG B 61 10.64 -21.39 15.08
C ARG B 61 11.13 -22.59 14.30
N VAL B 62 11.61 -22.37 13.08
CA VAL B 62 12.18 -23.44 12.30
C VAL B 62 13.61 -23.11 11.90
N LEU B 63 14.48 -24.09 12.01
CA LEU B 63 15.89 -23.90 11.67
C LEU B 63 16.10 -23.70 10.16
N VAL B 64 16.80 -22.63 9.82
CA VAL B 64 17.08 -22.28 8.43
C VAL B 64 18.43 -22.88 7.99
N SER B 65 18.38 -23.65 6.90
CA SER B 65 19.58 -24.27 6.35
C SER B 65 20.18 -23.45 5.19
N GLU B 66 19.36 -22.67 4.48
CA GLU B 66 19.85 -21.93 3.34
C GLU B 66 18.96 -20.74 3.06
N VAL B 67 19.58 -19.65 2.62
CA VAL B 67 18.84 -18.49 2.14
C VAL B 67 19.32 -18.16 0.73
N LEU B 68 18.36 -18.06 -0.18
CA LEU B 68 18.63 -17.81 -1.58
C LEU B 68 17.90 -16.53 -1.91
N VAL B 69 18.44 -15.78 -2.86
CA VAL B 69 17.84 -14.57 -3.36
C VAL B 69 17.80 -14.68 -4.87
N ARG B 70 16.63 -14.45 -5.44
CA ARG B 70 16.49 -14.61 -6.87
C ARG B 70 15.51 -13.60 -7.45
N PRO B 71 15.72 -13.24 -8.72
CA PRO B 71 14.81 -12.33 -9.37
C PRO B 71 13.53 -13.04 -9.74
N GLN B 72 12.44 -12.28 -9.77
CA GLN B 72 11.16 -12.78 -10.20
C GLN B 72 11.26 -13.07 -11.71
N SER B 73 11.74 -12.08 -12.44
CA SER B 73 12.09 -12.23 -13.86
C SER B 73 13.39 -11.50 -14.16
N GLY B 74 14.06 -11.91 -15.22
CA GLY B 74 15.29 -11.26 -15.67
C GLY B 74 16.48 -11.68 -14.83
N GLN B 75 17.50 -10.82 -14.82
CA GLN B 75 18.69 -11.04 -13.99
C GLN B 75 18.60 -10.14 -12.77
N LEU B 76 19.33 -10.54 -11.72
CA LEU B 76 19.47 -9.72 -10.53
C LEU B 76 20.92 -9.31 -10.44
N THR B 77 21.19 -8.01 -10.45
CA THR B 77 22.58 -7.57 -10.32
C THR B 77 23.11 -8.04 -8.96
N PRO B 78 24.43 -8.22 -8.86
CA PRO B 78 25.03 -8.54 -7.55
C PRO B 78 24.86 -7.42 -6.51
N GLU B 79 24.80 -6.18 -6.96
CA GLU B 79 24.62 -5.05 -6.04
C GLU B 79 23.25 -5.17 -5.35
N LEU B 80 22.23 -5.49 -6.14
CA LEU B 80 20.86 -5.64 -5.64
C LEU B 80 20.67 -6.91 -4.82
N GLU B 81 21.35 -7.99 -5.19
CA GLU B 81 21.34 -9.18 -4.37
C GLU B 81 21.90 -8.87 -2.97
N THR B 82 23.05 -8.19 -2.95
CA THR B 82 23.65 -7.71 -1.71
C THR B 82 22.70 -6.84 -0.90
N GLN B 83 21.97 -5.96 -1.59
CA GLN B 83 20.97 -5.11 -0.91
C GLN B 83 19.97 -5.96 -0.12
N VAL B 84 19.56 -7.08 -0.72
CA VAL B 84 18.61 -8.00 -0.09
C VAL B 84 19.26 -8.65 1.12
N TYR B 85 20.47 -9.19 0.96
CA TYR B 85 21.14 -9.86 2.11
C TYR B 85 21.52 -8.90 3.23
N ASN B 86 21.81 -7.66 2.91
CA ASN B 86 22.12 -6.66 3.91
C ASN B 86 21.00 -6.48 4.97
N VAL B 87 19.75 -6.62 4.53
CA VAL B 87 18.60 -6.15 5.32
C VAL B 87 17.77 -7.27 5.94
N ILE B 88 18.00 -8.51 5.52
CA ILE B 88 17.21 -9.63 6.08
C ILE B 88 17.92 -10.15 7.30
N ARG B 89 17.12 -10.63 8.25
CA ARG B 89 17.67 -11.22 9.49
C ARG B 89 17.77 -12.72 9.37
N THR B 90 16.85 -13.30 8.60
CA THR B 90 16.80 -14.74 8.40
C THR B 90 18.11 -15.25 7.81
N GLN B 91 18.72 -16.25 8.45
CA GLN B 91 20.08 -16.73 8.08
C GLN B 91 20.32 -18.20 8.31
N PRO B 92 21.25 -18.81 7.54
CA PRO B 92 21.55 -20.22 7.83
C PRO B 92 22.11 -20.37 9.24
N GLY B 93 21.66 -21.39 9.97
CA GLY B 93 22.15 -21.64 11.31
C GLY B 93 21.35 -20.97 12.42
N ARG B 94 20.38 -20.16 12.04
CA ARG B 94 19.45 -19.55 13.01
C ARG B 94 18.08 -19.98 12.60
N THR B 95 17.14 -19.84 13.53
CA THR B 95 15.78 -20.16 13.21
C THR B 95 15.11 -18.96 12.58
N THR B 96 13.95 -19.18 11.99
CA THR B 96 13.11 -18.09 11.55
C THR B 96 11.65 -18.42 11.84
N THR B 97 10.76 -17.44 11.66
CA THR B 97 9.33 -17.62 11.89
C THR B 97 8.60 -16.91 10.79
N ARG B 98 7.29 -17.16 10.71
CA ARG B 98 6.42 -16.50 9.74
C ARG B 98 6.52 -14.98 9.79
N SER B 99 6.44 -14.39 10.96
CA SER B 99 6.55 -12.95 11.06
C SER B 99 7.96 -12.42 10.83
N GLN B 100 8.98 -13.21 11.18
CA GLN B 100 10.35 -12.78 10.88
C GLN B 100 10.53 -12.65 9.37
N LEU B 101 10.05 -13.65 8.64
CA LEU B 101 10.03 -13.62 7.18
C LEU B 101 9.26 -12.40 6.65
N GLN B 102 8.13 -12.07 7.25
CA GLN B 102 7.40 -10.87 6.83
C GLN B 102 8.20 -9.58 7.12
N GLU B 103 8.82 -9.51 8.27
CA GLU B 103 9.67 -8.35 8.58
C GLU B 103 10.88 -8.23 7.63
N ASP B 104 11.49 -9.35 7.29
CA ASP B 104 12.52 -9.36 6.26
C ASP B 104 11.99 -8.84 4.92
N ILE B 105 10.79 -9.27 4.53
CA ILE B 105 10.15 -8.81 3.30
C ILE B 105 9.94 -7.29 3.30
N ASN B 106 9.42 -6.76 4.41
CA ASN B 106 9.25 -5.31 4.58
C ASN B 106 10.59 -4.58 4.55
N ALA B 107 11.61 -5.19 5.13
CA ALA B 107 12.94 -4.58 5.16
C ALA B 107 13.48 -4.45 3.74
N ILE B 108 13.26 -5.47 2.92
CA ILE B 108 13.63 -5.45 1.49
C ILE B 108 12.89 -4.37 0.67
N PHE B 109 11.59 -4.27 0.87
CA PHE B 109 10.83 -3.19 0.29
C PHE B 109 11.35 -1.84 0.76
N GLY B 110 11.77 -1.80 2.02
CA GLY B 110 12.26 -0.61 2.65
C GLY B 110 13.47 -0.03 1.96
N THR B 111 14.27 -0.87 1.28
CA THR B 111 15.44 -0.40 0.56
C THR B 111 15.07 0.51 -0.59
N GLY B 112 13.86 0.33 -1.15
CA GLY B 112 13.36 1.19 -2.23
C GLY B 112 13.58 0.73 -3.66
N PHE B 113 14.41 -0.30 -3.83
CA PHE B 113 14.80 -0.79 -5.16
C PHE B 113 13.82 -1.79 -5.84
N PHE B 114 12.77 -2.20 -5.15
CA PHE B 114 11.93 -3.33 -5.59
C PHE B 114 10.44 -3.02 -5.59
N SER B 115 9.76 -3.53 -6.60
CA SER B 115 8.31 -3.41 -6.74
C SER B 115 7.58 -4.60 -6.16
N ASN B 116 8.24 -5.76 -6.07
CA ASN B 116 7.61 -6.96 -5.52
C ASN B 116 8.59 -7.82 -4.72
N VAL B 117 8.18 -8.26 -3.54
CA VAL B 117 9.01 -9.13 -2.73
C VAL B 117 8.16 -10.23 -2.10
N GLN B 118 8.67 -11.47 -2.16
CA GLN B 118 8.08 -12.56 -1.40
C GLN B 118 9.14 -13.55 -0.88
N ALA B 119 8.76 -14.32 0.14
CA ALA B 119 9.57 -15.38 0.67
C ALA B 119 8.90 -16.73 0.47
N SER B 120 9.66 -17.66 -0.11
CA SER B 120 9.12 -18.97 -0.40
C SER B 120 9.94 -20.02 0.35
N PRO B 121 9.40 -20.56 1.46
CA PRO B 121 10.19 -21.52 2.22
C PRO B 121 9.95 -22.96 1.83
N GLU B 122 10.98 -23.76 1.96
CA GLU B 122 10.90 -25.18 1.71
C GLU B 122 11.53 -25.85 2.93
N ASP B 123 10.68 -26.50 3.75
CA ASP B 123 11.08 -27.14 5.00
C ASP B 123 11.63 -28.54 4.71
N THR B 124 12.92 -28.75 4.97
CA THR B 124 13.58 -30.02 4.63
C THR B 124 14.08 -30.67 5.92
N PRO B 125 14.54 -31.94 5.84
CA PRO B 125 15.13 -32.58 7.01
C PRO B 125 16.33 -31.86 7.58
N LEU B 126 17.01 -31.09 6.74
CA LEU B 126 18.24 -30.39 7.08
C LEU B 126 17.97 -28.98 7.65
N GLY B 127 16.74 -28.51 7.46
CA GLY B 127 16.36 -27.14 7.74
C GLY B 127 15.57 -26.53 6.60
N VAL B 128 15.15 -25.30 6.81
CA VAL B 128 14.36 -24.59 5.85
C VAL B 128 15.24 -23.89 4.83
N ARG B 129 14.94 -24.10 3.54
CA ARG B 129 15.53 -23.33 2.44
C ARG B 129 14.54 -22.23 2.07
N VAL B 130 14.92 -20.99 2.39
CA VAL B 130 14.07 -19.82 2.16
C VAL B 130 14.57 -19.08 0.94
N SER B 131 13.71 -18.94 -0.06
CA SER B 131 14.00 -18.14 -1.23
C SER B 131 13.30 -16.81 -1.12
N PHE B 132 14.04 -15.71 -1.15
CA PHE B 132 13.46 -14.38 -1.29
C PHE B 132 13.43 -14.04 -2.78
N ILE B 133 12.24 -13.82 -3.31
CA ILE B 133 12.02 -13.59 -4.72
C ILE B 133 11.69 -12.10 -4.93
N VAL B 134 12.59 -11.38 -5.59
CA VAL B 134 12.48 -9.93 -5.65
C VAL B 134 12.31 -9.47 -7.12
N GLN B 135 11.53 -8.41 -7.29
CA GLN B 135 11.31 -7.80 -8.61
C GLN B 135 11.87 -6.37 -8.58
N PRO B 136 13.06 -6.15 -9.15
CA PRO B 136 13.68 -4.82 -9.22
C PRO B 136 12.82 -3.80 -9.92
N ASN B 137 12.81 -2.57 -9.42
CA ASN B 137 12.16 -1.48 -10.12
C ASN B 137 12.77 -1.27 -11.52
N PRO B 138 11.98 -0.70 -12.44
CA PRO B 138 12.51 -0.25 -13.73
C PRO B 138 13.42 0.95 -13.59
N VAL B 139 14.22 1.19 -14.63
CA VAL B 139 15.00 2.40 -14.76
C VAL B 139 14.01 3.56 -14.81
N LEU B 140 14.24 4.60 -13.99
CA LEU B 140 13.35 5.78 -14.00
C LEU B 140 13.63 6.61 -15.27
N SER B 141 12.61 6.81 -16.09
CA SER B 141 12.74 7.61 -17.30
C SER B 141 12.06 8.98 -17.19
N LYS B 142 10.97 9.09 -16.43
CA LYS B 142 10.43 10.41 -16.10
C LYS B 142 9.38 10.41 -15.00
N VAL B 143 9.26 11.57 -14.34
CA VAL B 143 8.21 11.81 -13.37
C VAL B 143 7.23 12.82 -13.94
N GLU B 144 5.96 12.43 -13.95
CA GLU B 144 4.85 13.27 -14.40
C GLU B 144 3.98 13.60 -13.20
N ILE B 145 3.59 14.87 -13.06
CA ILE B 145 2.57 15.27 -12.08
C ILE B 145 1.21 15.40 -12.76
N GLN B 146 0.22 14.72 -12.21
CA GLN B 146 -1.17 14.84 -12.65
C GLN B 146 -1.98 15.53 -11.54
N ALA B 147 -2.30 16.80 -11.79
CA ALA B 147 -2.93 17.66 -10.81
C ALA B 147 -4.40 17.35 -10.69
N ASN B 148 -4.89 17.30 -9.47
CA ASN B 148 -6.32 17.28 -9.19
C ASN B 148 -7.01 16.15 -9.97
N PRO B 149 -6.80 14.90 -9.51
CA PRO B 149 -7.36 13.72 -10.16
C PRO B 149 -8.87 13.71 -10.03
N GLY B 150 -9.55 13.20 -11.05
CA GLY B 150 -11.00 13.19 -11.06
C GLY B 150 -11.60 14.47 -11.59
N THR B 151 -10.73 15.41 -12.01
CA THR B 151 -11.17 16.69 -12.57
C THR B 151 -10.34 17.06 -13.81
N ASN B 152 -10.29 18.36 -14.11
CA ASN B 152 -9.53 18.92 -15.24
C ASN B 152 -8.87 20.27 -14.88
N VAL B 153 -8.93 20.65 -13.59
CA VAL B 153 -8.28 21.85 -13.09
C VAL B 153 -6.78 21.65 -13.30
N PRO B 154 -6.17 22.40 -14.24
CA PRO B 154 -4.76 22.18 -14.55
C PRO B 154 -3.85 22.47 -13.36
N SER B 155 -2.65 21.90 -13.39
CA SER B 155 -1.66 22.11 -12.35
C SER B 155 -1.44 23.58 -12.08
N VAL B 156 -1.29 23.89 -10.80
CA VAL B 156 -0.92 25.24 -10.35
C VAL B 156 0.60 25.51 -10.40
N LEU B 157 1.41 24.49 -10.62
CA LEU B 157 2.85 24.67 -10.58
C LEU B 157 3.45 24.96 -11.96
N PRO B 158 4.61 25.65 -11.99
CA PRO B 158 5.28 25.86 -13.25
C PRO B 158 5.53 24.55 -13.98
N GLN B 159 5.26 24.57 -15.28
CA GLN B 159 5.44 23.41 -16.17
C GLN B 159 6.73 22.62 -15.89
N ALA B 160 7.83 23.34 -15.68
CA ALA B 160 9.16 22.71 -15.51
C ALA B 160 9.44 22.05 -14.14
N THR B 161 8.48 22.12 -13.21
CA THR B 161 8.72 21.71 -11.81
C THR B 161 9.18 20.25 -11.68
N ALA B 162 8.34 19.33 -12.18
CA ALA B 162 8.60 17.88 -12.07
C ALA B 162 10.04 17.53 -12.47
N ASP B 163 10.44 18.03 -13.62
CA ASP B 163 11.73 17.68 -14.16
C ASP B 163 12.87 18.34 -13.39
N GLU B 164 12.70 19.62 -13.02
CA GLU B 164 13.66 20.30 -12.15
C GLU B 164 13.95 19.50 -10.88
N ILE B 165 12.89 19.02 -10.24
CA ILE B 165 13.03 18.24 -9.01
C ILE B 165 13.64 16.83 -9.22
N PHE B 166 13.15 16.11 -10.22
CA PHE B 166 13.41 14.65 -10.34
C PHE B 166 14.43 14.25 -11.42
N ARG B 167 14.65 15.17 -12.35
CA ARG B 167 15.80 15.19 -13.28
C ARG B 167 16.98 14.28 -12.95
N ALA B 168 17.57 14.47 -11.77
CA ALA B 168 18.82 13.83 -11.40
C ALA B 168 18.69 12.32 -11.21
N GLN B 169 17.47 11.82 -11.05
CA GLN B 169 17.21 10.40 -10.84
C GLN B 169 16.92 9.64 -12.14
N TYR B 170 16.73 10.37 -13.23
CA TYR B 170 16.51 9.76 -14.56
C TYR B 170 17.69 8.93 -15.05
N GLY B 171 17.37 7.80 -15.69
CA GLY B 171 18.38 6.92 -16.28
C GLY B 171 18.91 5.85 -15.35
N LYS B 172 18.52 5.90 -14.07
CA LYS B 172 18.89 4.88 -13.09
C LYS B 172 17.67 4.14 -12.57
N ILE B 173 17.93 3.00 -11.93
CA ILE B 173 16.90 2.23 -11.26
C ILE B 173 16.11 3.15 -10.32
N LEU B 174 14.80 3.09 -10.43
CA LEU B 174 13.93 3.86 -9.54
C LEU B 174 14.20 3.42 -8.12
N ASN B 175 14.50 4.37 -7.24
CA ASN B 175 14.57 4.07 -5.82
C ASN B 175 13.49 4.87 -5.13
N LEU B 176 12.59 4.20 -4.41
CA LEU B 176 11.41 4.83 -3.82
C LEU B 176 11.74 5.76 -2.66
N ARG B 177 12.91 5.58 -2.02
CA ARG B 177 13.35 6.51 -0.98
C ARG B 177 13.74 7.85 -1.59
N ASP B 178 14.59 7.80 -2.61
CA ASP B 178 15.01 8.97 -3.37
C ASP B 178 13.78 9.68 -3.94
N LEU B 179 12.79 8.90 -4.36
CA LEU B 179 11.55 9.44 -4.93
C LEU B 179 10.84 10.23 -3.84
N GLN B 180 10.80 9.67 -2.63
CA GLN B 180 10.22 10.33 -1.46
C GLN B 180 10.87 11.68 -1.18
N GLU B 181 12.20 11.72 -1.23
CA GLU B 181 12.93 12.98 -1.07
C GLU B 181 12.52 14.02 -2.11
N GLY B 182 12.40 13.61 -3.36
CA GLY B 182 11.85 14.49 -4.37
C GLY B 182 10.45 14.96 -3.99
N ILE B 183 9.65 14.05 -3.46
CA ILE B 183 8.27 14.38 -3.10
C ILE B 183 8.25 15.45 -2.00
N LYS B 184 9.22 15.41 -1.10
CA LYS B 184 9.30 16.44 -0.07
C LYS B 184 9.58 17.82 -0.62
N GLU B 185 10.55 17.93 -1.52
CA GLU B 185 10.84 19.18 -2.18
C GLU B 185 9.61 19.65 -2.96
N LEU B 186 8.93 18.73 -3.63
CA LEU B 186 7.72 19.08 -4.37
C LEU B 186 6.74 19.75 -3.41
N THR B 187 6.64 19.16 -2.23
CA THR B 187 5.72 19.62 -1.21
C THR B 187 6.08 21.00 -0.70
N LYS B 188 7.35 21.25 -0.42
CA LYS B 188 7.76 22.60 -0.03
C LYS B 188 7.46 23.62 -1.13
N ARG B 189 7.67 23.23 -2.39
CA ARG B 189 7.37 24.12 -3.52
C ARG B 189 5.91 24.55 -3.57
N TYR B 190 5.00 23.59 -3.48
CA TYR B 190 3.57 23.88 -3.38
C TYR B 190 3.28 24.89 -2.25
N GLN B 191 3.93 24.64 -1.12
CA GLN B 191 3.85 25.48 0.09
C GLN B 191 4.33 26.91 -0.18
N ASP B 192 5.56 27.04 -0.69
CA ASP B 192 6.17 28.34 -0.99
C ASP B 192 5.27 29.19 -1.87
N GLN B 193 4.38 28.52 -2.59
CA GLN B 193 3.42 29.17 -3.47
C GLN B 193 2.05 29.32 -2.83
N GLY B 194 1.98 29.15 -1.51
CA GLY B 194 0.71 29.26 -0.79
C GLY B 194 -0.28 28.13 -1.06
N TYR B 195 0.22 26.95 -1.42
CA TYR B 195 -0.61 25.75 -1.51
C TYR B 195 -0.18 24.78 -0.40
N VAL B 196 -0.67 25.05 0.82
CA VAL B 196 -0.09 24.48 2.01
C VAL B 196 -0.68 23.10 2.35
N LEU B 197 -1.73 22.71 1.63
CA LEU B 197 -2.41 21.45 1.85
C LEU B 197 -2.13 20.44 0.74
N ALA B 198 -1.26 20.80 -0.21
CA ALA B 198 -0.99 19.93 -1.35
C ALA B 198 -0.46 18.57 -0.88
N ASN B 199 -1.08 17.51 -1.38
CA ASN B 199 -0.76 16.15 -1.00
C ASN B 199 -0.77 15.21 -2.20
N VAL B 200 0.25 14.36 -2.25
CA VAL B 200 0.25 13.22 -3.16
C VAL B 200 -0.88 12.28 -2.77
N VAL B 201 -1.65 11.89 -3.78
CA VAL B 201 -2.77 10.97 -3.61
C VAL B 201 -2.30 9.55 -3.88
N GLY B 202 -2.47 8.65 -2.91
CA GLY B 202 -2.05 7.26 -3.04
C GLY B 202 -0.56 7.07 -3.25
N ALA B 203 -0.20 5.96 -3.88
CA ALA B 203 1.19 5.61 -4.12
C ALA B 203 1.63 6.14 -5.50
N PRO B 204 2.91 6.50 -5.62
CA PRO B 204 3.41 6.82 -6.95
C PRO B 204 3.07 5.67 -7.90
N GLN B 205 2.57 5.99 -9.08
CA GLN B 205 2.26 4.95 -10.05
C GLN B 205 3.39 4.84 -11.07
N VAL B 206 3.87 3.62 -11.26
CA VAL B 206 5.07 3.35 -12.02
C VAL B 206 4.72 2.47 -13.22
N SER B 207 4.98 2.96 -14.42
CA SER B 207 4.76 2.16 -15.63
C SER B 207 6.00 1.32 -15.92
N GLU B 208 5.83 0.33 -16.78
CA GLU B 208 6.92 -0.58 -17.11
C GLU B 208 7.98 0.09 -17.96
N ASN B 209 7.58 1.11 -18.72
CA ASN B 209 8.52 1.98 -19.44
C ASN B 209 9.28 2.98 -18.55
N GLY B 210 9.07 2.93 -17.24
CA GLY B 210 9.84 3.75 -16.28
C GLY B 210 9.29 5.15 -15.99
N VAL B 211 8.00 5.35 -16.29
CA VAL B 211 7.36 6.65 -16.10
C VAL B 211 6.61 6.63 -14.78
N VAL B 212 6.97 7.55 -13.89
CA VAL B 212 6.30 7.67 -12.60
C VAL B 212 5.27 8.80 -12.67
N THR B 213 4.03 8.46 -12.34
CA THR B 213 2.95 9.44 -12.31
C THR B 213 2.59 9.71 -10.86
N LEU B 214 2.81 10.94 -10.43
CA LEU B 214 2.38 11.40 -9.14
C LEU B 214 1.05 12.12 -9.28
N GLN B 215 0.00 11.50 -8.74
CA GLN B 215 -1.26 12.19 -8.61
C GLN B 215 -1.20 13.09 -7.38
N VAL B 216 -1.41 14.39 -7.57
CA VAL B 216 -1.30 15.37 -6.49
C VAL B 216 -2.60 16.15 -6.31
N ALA B 217 -3.23 16.01 -5.14
CA ALA B 217 -4.36 16.86 -4.74
C ALA B 217 -3.80 18.21 -4.29
N GLU B 218 -3.75 19.16 -5.23
CA GLU B 218 -2.99 20.40 -5.01
C GLU B 218 -3.71 21.40 -4.11
N GLY B 219 -5.03 21.30 -4.07
CA GLY B 219 -5.87 22.37 -3.56
C GLY B 219 -6.27 23.27 -4.72
N VAL B 220 -7.53 23.67 -4.71
CA VAL B 220 -8.13 24.45 -5.79
C VAL B 220 -8.70 25.70 -5.12
N VAL B 221 -8.80 26.81 -5.83
CA VAL B 221 -9.39 28.04 -5.25
C VAL B 221 -10.81 28.20 -5.82
N GLU B 222 -11.71 28.79 -5.03
CA GLU B 222 -13.09 28.99 -5.50
C GLU B 222 -13.13 30.22 -6.41
#